data_1OJ4
#
_entry.id   1OJ4
#
_cell.length_a   61.000
_cell.length_b   76.300
_cell.length_c   68.600
_cell.angle_alpha   90.00
_cell.angle_beta   107.80
_cell.angle_gamma   90.00
#
_symmetry.space_group_name_H-M   'P 1 21 1'
#
loop_
_entity.id
_entity.type
_entity.pdbx_description
1 polymer '4-DIPHOSPHOCYTIDYL-2-C-METHYL-D-ERYTHRITOL KINASE'
2 non-polymer 4-DIPHOSPHOCYTIDYL-2-C-METHYL-D-ERYTHRITOL
3 non-polymer 'PHOSPHOAMINOPHOSPHONIC ACID-ADENYLATE ESTER'
4 non-polymer 'CHLORIDE ION'
5 water water
#
_entity_poly.entity_id   1
_entity_poly.type   'polypeptide(L)'
_entity_poly.pdbx_seq_one_letter_code
;(MSE)RTQWPSPAKLNLFLYITGQRADGYHTLQTLFQFLDYGDTISIELRDDGDIRLLTPVEGVEHEDNLIVRAARLL
(MSE)KTAADSGRLPTGSGANISIDKRLP(MSE)GGGLGGGSSNAATVLVALNHLWQCGLS(MSE)DELAE(MSE)GLTL
GADVPVFVRGHAAFAEGVGEILTPVDPPEKWYLVAHPGVSIPTPVIFKDPELPRNTPKRSIETLLKCEFSNDCEVIARKR
FREVDAVLSWLLEYAPSRLTGTGACVFAEFDTESEARQVLEQAPEWLNGFVAKGVNLSPLHRA(MSE)L
;
_entity_poly.pdbx_strand_id   A,B
#
# COMPACT_ATOMS: atom_id res chain seq x y z
N ARG A 2 21.80 19.73 5.71
CA ARG A 2 21.44 18.78 4.66
C ARG A 2 22.39 17.60 4.71
N THR A 3 21.84 16.39 4.59
CA THR A 3 22.68 15.19 4.53
C THR A 3 22.49 14.56 3.17
N GLN A 4 23.52 13.87 2.69
CA GLN A 4 23.48 13.21 1.38
C GLN A 4 23.71 11.73 1.55
N TRP A 5 22.91 10.93 0.87
CA TRP A 5 22.94 9.48 1.04
C TRP A 5 22.97 8.75 -0.28
N PRO A 6 23.84 7.74 -0.39
CA PRO A 6 23.93 6.96 -1.62
C PRO A 6 22.69 6.10 -1.81
N SER A 7 22.34 5.89 -3.07
CA SER A 7 21.24 5.02 -3.46
C SER A 7 21.75 4.24 -4.66
N PRO A 8 22.53 3.20 -4.37
CA PRO A 8 23.20 2.41 -5.42
C PRO A 8 22.26 1.55 -6.22
N ALA A 9 22.71 1.18 -7.41
CA ALA A 9 22.00 0.22 -8.23
C ALA A 9 22.38 -1.18 -7.79
N LYS A 10 21.64 -2.19 -8.28
CA LYS A 10 22.03 -3.60 -8.12
C LYS A 10 22.08 -4.29 -9.47
N LEU A 11 22.69 -5.49 -9.48
CA LEU A 11 22.64 -6.39 -10.62
C LEU A 11 22.18 -7.73 -10.12
N ASN A 12 21.39 -8.43 -10.91
CA ASN A 12 21.15 -9.82 -10.61
C ASN A 12 22.26 -10.56 -11.37
N LEU A 13 23.29 -11.00 -10.64
CA LEU A 13 24.42 -11.71 -11.24
C LEU A 13 23.92 -12.98 -11.95
N PHE A 14 22.85 -13.57 -11.42
CA PHE A 14 22.15 -14.68 -12.06
C PHE A 14 20.69 -14.63 -11.63
N LEU A 15 19.80 -15.23 -12.41
CA LEU A 15 18.38 -15.22 -12.13
C LEU A 15 17.73 -16.43 -12.76
N TYR A 16 17.23 -17.34 -11.92
CA TYR A 16 16.60 -18.55 -12.39
C TYR A 16 15.15 -18.55 -11.92
N ILE A 17 14.26 -18.91 -12.82
CA ILE A 17 12.83 -19.00 -12.53
CA ILE A 17 12.84 -18.99 -12.50
C ILE A 17 12.47 -20.46 -12.30
N THR A 18 12.08 -20.79 -11.06
CA THR A 18 11.84 -22.19 -10.69
C THR A 18 10.39 -22.67 -10.72
N GLY A 19 9.45 -21.75 -10.84
CA GLY A 19 8.05 -22.13 -10.86
C GLY A 19 7.15 -20.92 -10.66
N GLN A 20 5.86 -21.20 -10.53
CA GLN A 20 4.88 -20.17 -10.35
C GLN A 20 3.96 -20.50 -9.18
N ARG A 21 3.77 -19.55 -8.28
CA ARG A 21 2.88 -19.69 -7.13
C ARG A 21 1.43 -19.73 -7.54
N ALA A 22 0.55 -20.04 -6.60
CA ALA A 22 -0.89 -20.08 -6.83
C ALA A 22 -1.44 -18.76 -7.38
N ASP A 23 -0.82 -17.64 -7.01
CA ASP A 23 -1.28 -16.32 -7.45
C ASP A 23 -0.56 -15.81 -8.70
N GLY A 24 0.20 -16.70 -9.35
CA GLY A 24 0.89 -16.34 -10.56
C GLY A 24 2.28 -15.75 -10.39
N TYR A 25 2.64 -15.33 -9.17
CA TYR A 25 3.98 -14.84 -8.91
C TYR A 25 4.98 -15.96 -9.20
N HIS A 26 6.20 -15.61 -9.58
CA HIS A 26 7.19 -16.62 -9.90
C HIS A 26 8.21 -16.82 -8.77
N THR A 27 8.51 -18.09 -8.46
CA THR A 27 9.53 -18.39 -7.48
C THR A 27 10.88 -18.31 -8.22
N LEU A 28 11.89 -17.80 -7.53
CA LEU A 28 13.18 -17.52 -8.12
C LEU A 28 14.34 -17.97 -7.28
N GLN A 29 15.50 -18.02 -7.92
CA GLN A 29 16.77 -18.17 -7.22
C GLN A 29 17.65 -17.13 -7.92
N THR A 30 18.08 -16.12 -7.17
CA THR A 30 18.84 -15.04 -7.77
C THR A 30 19.91 -14.48 -6.84
N LEU A 31 20.92 -13.84 -7.42
CA LEU A 31 22.03 -13.32 -6.66
C LEU A 31 22.18 -11.81 -6.91
N PHE A 32 22.15 -11.05 -5.82
CA PHE A 32 22.28 -9.60 -5.88
C PHE A 32 23.68 -9.14 -5.52
N GLN A 33 24.19 -8.18 -6.27
CA GLN A 33 25.42 -7.50 -5.93
C GLN A 33 25.17 -6.02 -6.20
N PHE A 34 25.70 -5.15 -5.35
CA PHE A 34 25.52 -3.73 -5.54
C PHE A 34 26.52 -3.17 -6.54
N LEU A 35 26.18 -2.04 -7.18
CA LEU A 35 27.14 -1.31 -7.98
C LEU A 35 27.53 -0.08 -7.19
N ASP A 36 28.81 0.28 -7.26
CA ASP A 36 29.29 1.48 -6.61
C ASP A 36 28.97 2.68 -7.51
N TYR A 37 27.68 2.91 -7.72
CA TYR A 37 27.17 3.87 -8.66
C TYR A 37 25.66 3.94 -8.47
N GLY A 38 25.10 5.14 -8.53
CA GLY A 38 23.66 5.26 -8.42
C GLY A 38 23.23 6.67 -8.19
N ASP A 39 22.07 6.83 -7.55
CA ASP A 39 21.53 8.14 -7.28
C ASP A 39 22.07 8.63 -5.97
N THR A 40 21.80 9.89 -5.71
CA THR A 40 22.18 10.54 -4.49
CA THR A 40 22.15 10.47 -4.44
C THR A 40 20.92 11.21 -3.92
N ILE A 41 20.60 10.93 -2.65
CA ILE A 41 19.42 11.52 -2.03
C ILE A 41 19.81 12.52 -0.94
N SER A 42 19.26 13.71 -1.01
CA SER A 42 19.57 14.74 0.00
C SER A 42 18.36 14.97 0.87
N ILE A 43 18.61 15.09 2.17
CA ILE A 43 17.53 15.27 3.13
C ILE A 43 17.76 16.44 4.06
N GLU A 44 16.71 17.22 4.30
CA GLU A 44 16.72 18.30 5.28
C GLU A 44 15.53 18.07 6.19
N LEU A 45 15.77 17.97 7.50
CA LEU A 45 14.68 17.69 8.45
C LEU A 45 13.72 18.85 8.59
N ARG A 46 12.46 18.53 8.87
CA ARG A 46 11.42 19.50 9.10
C ARG A 46 10.90 19.28 10.51
N ASP A 47 10.17 20.25 11.06
CA ASP A 47 9.60 20.09 12.40
C ASP A 47 8.07 20.22 12.41
N ASP A 48 7.46 20.20 11.23
CA ASP A 48 6.01 20.32 11.10
C ASP A 48 5.35 19.02 10.66
N GLY A 49 6.11 17.92 10.69
CA GLY A 49 5.58 16.60 10.35
C GLY A 49 5.29 16.36 8.88
N ASP A 50 5.70 17.29 8.02
CA ASP A 50 5.47 17.16 6.58
C ASP A 50 6.55 16.33 5.86
N ILE A 51 6.15 15.67 4.76
CA ILE A 51 7.09 14.99 3.89
C ILE A 51 7.02 15.68 2.53
N ARG A 52 8.12 16.32 2.10
CA ARG A 52 8.12 17.00 0.79
C ARG A 52 9.26 16.56 -0.14
N LEU A 53 8.91 15.85 -1.20
CA LEU A 53 9.87 15.48 -2.22
C LEU A 53 9.97 16.69 -3.14
N LEU A 54 11.11 17.36 -3.11
CA LEU A 54 11.27 18.62 -3.85
C LEU A 54 11.59 18.45 -5.33
N THR A 55 12.01 17.25 -5.70
CA THR A 55 12.40 17.00 -7.09
CA THR A 55 12.44 16.94 -7.06
C THR A 55 11.51 15.95 -7.76
N PRO A 56 10.82 16.38 -8.81
CA PRO A 56 9.97 15.45 -9.55
C PRO A 56 10.83 14.43 -10.29
N VAL A 57 10.43 13.16 -10.23
CA VAL A 57 11.08 12.08 -10.93
C VAL A 57 10.21 11.81 -12.13
N GLU A 58 10.80 11.85 -13.32
CA GLU A 58 10.04 11.74 -14.58
C GLU A 58 8.85 10.78 -14.54
N GLY A 59 7.66 11.36 -14.75
CA GLY A 59 6.42 10.61 -14.85
C GLY A 59 5.89 9.95 -13.58
N VAL A 60 6.43 10.34 -12.43
CA VAL A 60 5.97 9.77 -11.18
C VAL A 60 5.39 10.83 -10.27
N GLU A 61 4.12 10.65 -9.90
CA GLU A 61 3.44 11.59 -9.01
C GLU A 61 4.01 11.51 -7.60
N HIS A 62 4.00 12.65 -6.90
CA HIS A 62 4.54 12.77 -5.54
C HIS A 62 4.18 11.56 -4.65
N GLU A 63 2.89 11.27 -4.51
CA GLU A 63 2.44 10.16 -3.64
C GLU A 63 2.75 8.76 -4.20
N ASP A 64 3.05 8.68 -5.49
CA ASP A 64 3.40 7.40 -6.10
C ASP A 64 4.90 7.13 -6.00
N ASN A 65 5.68 8.17 -5.76
CA ASN A 65 7.12 8.03 -5.67
C ASN A 65 7.53 7.20 -4.48
N LEU A 66 8.40 6.21 -4.71
CA LEU A 66 8.84 5.31 -3.66
C LEU A 66 9.55 6.03 -2.50
N ILE A 67 10.13 7.19 -2.80
CA ILE A 67 10.75 8.02 -1.76
C ILE A 67 9.69 8.45 -0.74
N VAL A 68 8.57 8.95 -1.23
CA VAL A 68 7.49 9.42 -0.37
C VAL A 68 6.77 8.25 0.31
N ARG A 69 6.51 7.17 -0.43
CA ARG A 69 5.84 6.01 0.18
C ARG A 69 6.68 5.42 1.29
N ALA A 70 8.00 5.37 1.10
CA ALA A 70 8.90 4.88 2.15
C ALA A 70 8.86 5.77 3.38
N ALA A 71 8.97 7.08 3.18
CA ALA A 71 8.95 8.02 4.30
C ALA A 71 7.63 7.92 5.10
N ARG A 72 6.50 7.85 4.41
CA ARG A 72 5.22 7.74 5.10
C ARG A 72 5.08 6.41 5.85
N LEU A 73 5.59 5.34 5.26
CA LEU A 73 5.51 4.01 5.86
C LEU A 73 6.32 3.96 7.16
N LEU A 74 7.52 4.52 7.12
CA LEU A 74 8.36 4.57 8.32
C LEU A 74 7.68 5.42 9.38
N LYS A 76 4.52 6.07 9.90
CA LYS A 76 3.39 5.36 10.47
C LYS A 76 3.83 4.22 11.40
N THR A 77 4.77 3.39 10.94
CA THR A 77 5.25 2.25 11.74
C THR A 77 5.91 2.71 13.04
N ALA A 78 6.84 3.66 12.94
CA ALA A 78 7.50 4.19 14.13
C ALA A 78 6.50 4.81 15.11
N ALA A 79 5.54 5.58 14.60
CA ALA A 79 4.52 6.19 15.45
C ALA A 79 3.68 5.12 16.18
N ASP A 80 3.45 3.99 15.53
CA ASP A 80 2.69 2.87 16.12
C ASP A 80 3.31 2.36 17.42
N SER A 81 4.63 2.51 17.55
CA SER A 81 5.29 2.04 18.76
C SER A 81 5.84 3.20 19.59
N GLY A 82 5.44 4.42 19.25
CA GLY A 82 5.89 5.60 19.96
C GLY A 82 7.36 5.90 19.77
N ARG A 83 7.91 5.55 18.60
CA ARG A 83 9.33 5.78 18.36
C ARG A 83 9.63 6.95 17.41
N LEU A 84 8.59 7.70 17.06
CA LEU A 84 8.73 8.85 16.18
C LEU A 84 8.52 10.15 16.97
N PRO A 85 9.57 10.96 17.06
CA PRO A 85 9.46 12.24 17.76
C PRO A 85 8.41 13.16 17.13
N THR A 86 7.69 13.87 17.97
CA THR A 86 6.68 14.81 17.52
C THR A 86 7.27 15.78 16.52
N GLY A 87 6.55 16.04 15.44
CA GLY A 87 7.00 17.01 14.47
C GLY A 87 7.95 16.49 13.40
N SER A 88 8.40 15.23 13.55
CA SER A 88 9.32 14.65 12.57
C SER A 88 8.80 14.79 11.12
N GLY A 89 9.64 15.35 10.26
CA GLY A 89 9.29 15.52 8.85
C GLY A 89 10.56 15.68 8.03
N ALA A 90 10.42 15.91 6.74
CA ALA A 90 11.61 16.02 5.88
C ALA A 90 11.35 16.58 4.49
N ASN A 91 12.30 17.38 4.03
CA ASN A 91 12.37 17.80 2.66
C ASN A 91 13.35 16.81 2.03
N ILE A 92 13.00 16.25 0.89
CA ILE A 92 13.87 15.27 0.23
C ILE A 92 14.07 15.64 -1.21
N SER A 93 15.30 15.48 -1.69
CA SER A 93 15.58 15.73 -3.09
C SER A 93 16.46 14.62 -3.60
N ILE A 94 16.42 14.38 -4.90
CA ILE A 94 17.24 13.32 -5.46
C ILE A 94 17.96 13.76 -6.73
N ASP A 95 19.21 13.34 -6.84
CA ASP A 95 19.96 13.48 -8.07
C ASP A 95 19.83 12.10 -8.73
N LYS A 96 18.93 12.02 -9.71
CA LYS A 96 18.59 10.76 -10.33
C LYS A 96 19.47 10.42 -11.53
N ARG A 97 20.40 9.48 -11.34
CA ARG A 97 21.31 9.03 -12.41
C ARG A 97 20.85 7.71 -13.03
N LEU A 98 20.16 6.89 -12.24
CA LEU A 98 19.69 5.58 -12.71
C LEU A 98 18.47 5.68 -13.61
N PRO A 99 18.38 4.79 -14.59
CA PRO A 99 17.22 4.75 -15.47
C PRO A 99 15.99 4.29 -14.70
N GLY A 101 13.51 1.65 -13.87
CA GLY A 101 13.49 0.20 -13.96
C GLY A 101 14.77 -0.35 -14.56
N GLY A 102 14.65 -0.91 -15.75
CA GLY A 102 15.79 -1.43 -16.47
C GLY A 102 16.44 -2.64 -15.80
N GLY A 103 15.99 -2.98 -14.60
CA GLY A 103 16.57 -4.11 -13.89
C GLY A 103 17.71 -3.74 -12.96
N LEU A 104 17.84 -2.44 -12.69
CA LEU A 104 18.88 -1.93 -11.79
C LEU A 104 18.33 -1.66 -10.40
N GLY A 105 17.01 -1.75 -10.25
CA GLY A 105 16.36 -1.58 -8.95
C GLY A 105 16.41 -0.17 -8.37
N GLY A 106 16.49 0.83 -9.24
CA GLY A 106 16.60 2.22 -8.80
C GLY A 106 15.54 2.68 -7.81
N GLY A 107 14.27 2.44 -8.12
CA GLY A 107 13.19 2.83 -7.23
C GLY A 107 13.25 2.16 -5.86
N SER A 108 13.53 0.86 -5.86
CA SER A 108 13.66 0.10 -4.64
C SER A 108 14.83 0.61 -3.81
N SER A 109 15.92 0.98 -4.48
CA SER A 109 17.09 1.52 -3.81
C SER A 109 16.73 2.85 -3.16
N ASN A 110 16.00 3.70 -3.89
CA ASN A 110 15.54 4.99 -3.35
C ASN A 110 14.75 4.77 -2.08
N ALA A 111 13.80 3.83 -2.12
CA ALA A 111 12.98 3.52 -0.94
C ALA A 111 13.84 3.06 0.24
N ALA A 112 14.79 2.16 -0.02
CA ALA A 112 15.65 1.64 1.04
C ALA A 112 16.50 2.73 1.65
N THR A 113 17.11 3.56 0.81
CA THR A 113 17.95 4.64 1.30
C THR A 113 17.15 5.58 2.20
N VAL A 114 15.93 5.89 1.79
CA VAL A 114 15.04 6.77 2.56
C VAL A 114 14.69 6.15 3.93
N LEU A 115 14.36 4.85 3.94
CA LEU A 115 14.06 4.16 5.19
C LEU A 115 15.24 4.25 6.12
N VAL A 116 16.42 3.87 5.63
CA VAL A 116 17.62 3.87 6.48
C VAL A 116 17.99 5.28 6.94
N ALA A 117 17.96 6.24 6.01
CA ALA A 117 18.33 7.60 6.32
C ALA A 117 17.38 8.27 7.33
N LEU A 118 16.08 8.21 7.07
CA LEU A 118 15.12 8.83 7.99
C LEU A 118 15.11 8.13 9.35
N ASN A 119 15.25 6.81 9.36
CA ASN A 119 15.33 6.10 10.65
C ASN A 119 16.48 6.68 11.46
N HIS A 120 17.60 6.92 10.77
CA HIS A 120 18.77 7.49 11.43
C HIS A 120 18.55 8.94 11.85
N LEU A 121 18.09 9.76 10.91
CA LEU A 121 17.92 11.19 11.16
C LEU A 121 16.82 11.51 12.18
N TRP A 122 15.71 10.77 12.12
CA TRP A 122 14.63 10.99 13.08
C TRP A 122 14.92 10.32 14.42
N GLN A 123 15.98 9.51 14.46
CA GLN A 123 16.38 8.79 15.67
C GLN A 123 15.29 7.84 16.16
N CYS A 124 14.70 7.09 15.24
CA CYS A 124 13.63 6.17 15.58
C CYS A 124 14.16 4.93 16.28
N GLY A 125 15.41 4.59 15.97
CA GLY A 125 16.03 3.43 16.56
C GLY A 125 15.50 2.09 16.08
N LEU A 126 14.91 2.04 14.88
CA LEU A 126 14.45 0.75 14.37
C LEU A 126 15.67 -0.02 13.86
N SER A 127 15.60 -1.35 13.92
CA SER A 127 16.68 -2.18 13.46
C SER A 127 16.59 -2.36 11.94
N ASP A 129 16.42 -5.05 10.56
CA ASP A 129 15.38 -6.08 10.42
C ASP A 129 14.00 -5.46 10.29
N GLU A 130 13.70 -4.49 11.14
CA GLU A 130 12.39 -3.85 11.10
C GLU A 130 12.20 -3.06 9.79
N LEU A 131 13.25 -2.36 9.38
CA LEU A 131 13.21 -1.59 8.13
C LEU A 131 13.04 -2.50 6.94
N ALA A 132 13.73 -3.65 6.92
CA ALA A 132 13.61 -4.57 5.80
C ALA A 132 12.23 -5.20 5.78
N GLU A 133 11.64 -5.43 6.96
CA GLU A 133 10.31 -6.03 7.02
C GLU A 133 9.25 -5.11 6.41
N GLY A 135 9.98 -2.64 4.42
CA GLY A 135 10.43 -2.39 3.06
C GLY A 135 9.90 -3.41 2.06
N LEU A 136 9.75 -4.65 2.50
CA LEU A 136 9.25 -5.70 1.62
C LEU A 136 7.91 -5.35 0.98
N THR A 137 7.07 -4.60 1.69
CA THR A 137 5.74 -4.24 1.16
C THR A 137 5.85 -3.31 -0.01
N LEU A 138 7.02 -2.70 -0.17
CA LEU A 138 7.26 -1.81 -1.30
C LEU A 138 7.98 -2.51 -2.45
N GLY A 139 8.32 -3.80 -2.27
CA GLY A 139 8.99 -4.54 -3.33
C GLY A 139 10.08 -5.47 -2.82
N ALA A 140 10.21 -6.63 -3.45
CA ALA A 140 11.18 -7.65 -3.04
C ALA A 140 12.64 -7.17 -3.03
N ASP A 141 12.98 -6.21 -3.88
CA ASP A 141 14.37 -5.71 -3.93
C ASP A 141 14.69 -4.82 -2.73
N VAL A 142 13.67 -4.20 -2.14
CA VAL A 142 13.92 -3.24 -1.06
C VAL A 142 14.71 -3.82 0.14
N PRO A 143 14.31 -4.97 0.67
CA PRO A 143 15.03 -5.57 1.81
C PRO A 143 16.53 -5.78 1.52
N VAL A 144 16.88 -6.12 0.28
CA VAL A 144 18.28 -6.36 -0.06
C VAL A 144 19.07 -5.08 0.10
N PHE A 145 18.49 -3.99 -0.42
CA PHE A 145 19.09 -2.68 -0.31
C PHE A 145 19.14 -2.23 1.15
N VAL A 146 18.06 -2.50 1.90
CA VAL A 146 18.02 -2.12 3.32
C VAL A 146 19.09 -2.85 4.13
N ARG A 147 19.26 -4.14 3.87
CA ARG A 147 20.20 -4.96 4.66
C ARG A 147 21.67 -4.66 4.32
N GLY A 148 21.92 -4.23 3.10
CA GLY A 148 23.24 -3.77 2.71
C GLY A 148 24.31 -4.77 2.29
N HIS A 149 23.95 -6.05 2.18
CA HIS A 149 24.95 -7.07 1.83
C HIS A 149 24.55 -7.91 0.62
N ALA A 150 25.53 -8.23 -0.23
CA ALA A 150 25.26 -9.11 -1.38
C ALA A 150 24.53 -10.32 -0.85
N ALA A 151 23.52 -10.77 -1.59
CA ALA A 151 22.63 -11.80 -1.08
C ALA A 151 22.03 -12.67 -2.14
N PHE A 152 21.86 -13.93 -1.76
CA PHE A 152 21.18 -14.91 -2.57
C PHE A 152 19.71 -14.84 -2.17
N ALA A 153 18.80 -14.79 -3.13
CA ALA A 153 17.38 -14.66 -2.79
C ALA A 153 16.59 -15.80 -3.39
N GLU A 154 15.65 -16.33 -2.61
CA GLU A 154 14.80 -17.44 -3.01
C GLU A 154 13.34 -17.10 -2.72
N GLY A 155 12.46 -18.10 -2.78
CA GLY A 155 11.03 -17.88 -2.63
C GLY A 155 10.61 -17.04 -3.82
N VAL A 156 9.86 -15.97 -3.58
CA VAL A 156 9.54 -15.05 -4.68
C VAL A 156 10.50 -13.86 -4.58
N GLY A 157 11.60 -14.05 -3.85
CA GLY A 157 12.60 -13.02 -3.67
C GLY A 157 12.70 -12.54 -2.23
N GLU A 158 11.81 -13.05 -1.37
CA GLU A 158 11.75 -12.57 0.01
C GLU A 158 12.70 -13.32 0.98
N ILE A 159 13.19 -14.49 0.57
CA ILE A 159 14.05 -15.29 1.42
C ILE A 159 15.52 -14.97 1.10
N LEU A 160 16.19 -14.29 2.02
CA LEU A 160 17.57 -13.83 1.78
C LEU A 160 18.62 -14.59 2.56
N THR A 161 19.77 -14.77 1.92
CA THR A 161 20.95 -15.35 2.55
C THR A 161 22.15 -14.56 2.07
N PRO A 162 22.83 -13.86 2.98
CA PRO A 162 24.01 -13.09 2.59
C PRO A 162 25.11 -14.01 2.07
N VAL A 163 25.78 -13.60 0.99
CA VAL A 163 26.86 -14.39 0.38
C VAL A 163 27.93 -13.45 -0.14
N ASP A 164 29.08 -14.01 -0.53
CA ASP A 164 30.21 -13.18 -0.93
C ASP A 164 30.75 -13.59 -2.30
N PRO A 165 30.07 -13.18 -3.38
CA PRO A 165 30.51 -13.52 -4.74
C PRO A 165 31.65 -12.61 -5.19
N PRO A 166 32.38 -13.02 -6.22
CA PRO A 166 33.48 -12.18 -6.74
C PRO A 166 33.00 -10.78 -7.12
N GLU A 167 33.79 -9.77 -6.80
CA GLU A 167 33.49 -8.40 -7.18
C GLU A 167 34.21 -8.09 -8.50
N LYS A 168 33.45 -7.78 -9.54
CA LYS A 168 34.02 -7.49 -10.85
C LYS A 168 33.69 -6.07 -11.24
N TRP A 169 34.23 -5.64 -12.39
CA TRP A 169 33.90 -4.36 -12.95
C TRP A 169 32.86 -4.63 -14.03
N TYR A 170 31.91 -3.72 -14.20
CA TYR A 170 30.84 -3.93 -15.17
C TYR A 170 30.63 -2.74 -16.11
N LEU A 171 30.28 -3.06 -17.35
CA LEU A 171 29.81 -2.07 -18.29
C LEU A 171 28.33 -2.35 -18.36
N VAL A 172 27.52 -1.37 -17.97
CA VAL A 172 26.06 -1.54 -17.95
C VAL A 172 25.43 -0.71 -19.05
N ALA A 173 24.71 -1.35 -19.95
CA ALA A 173 24.09 -0.68 -21.10
C ALA A 173 22.57 -0.72 -21.05
N HIS A 174 21.95 0.22 -21.77
CA HIS A 174 20.50 0.34 -21.85
C HIS A 174 20.12 1.01 -23.18
N PRO A 175 19.41 0.31 -24.06
CA PRO A 175 19.08 0.85 -25.40
C PRO A 175 18.01 1.94 -25.42
N GLY A 176 17.28 2.12 -24.32
CA GLY A 176 16.26 3.15 -24.25
C GLY A 176 14.83 2.66 -24.00
N VAL A 177 14.54 1.41 -24.38
CA VAL A 177 13.20 0.85 -24.19
C VAL A 177 12.91 0.56 -22.70
N SER A 178 11.69 0.91 -22.26
CA SER A 178 11.29 0.65 -20.88
C SER A 178 10.46 -0.62 -20.84
N ILE A 179 11.06 -1.70 -20.32
CA ILE A 179 10.37 -2.98 -20.21
C ILE A 179 9.71 -3.12 -18.85
N PRO A 180 8.39 -3.18 -18.84
CA PRO A 180 7.66 -3.36 -17.58
C PRO A 180 7.91 -4.77 -17.05
N THR A 181 8.26 -4.88 -15.78
CA THR A 181 8.52 -6.19 -15.17
C THR A 181 7.45 -7.25 -15.54
N PRO A 182 6.16 -6.95 -15.33
CA PRO A 182 5.07 -7.91 -15.65
C PRO A 182 5.02 -8.43 -17.10
N VAL A 183 5.51 -7.65 -18.06
CA VAL A 183 5.51 -8.06 -19.46
C VAL A 183 6.40 -9.30 -19.71
N ILE A 184 7.54 -9.35 -19.03
CA ILE A 184 8.43 -10.48 -19.15
C ILE A 184 7.84 -11.69 -18.41
N PHE A 185 7.42 -11.47 -17.16
CA PHE A 185 6.89 -12.55 -16.32
C PHE A 185 5.60 -13.20 -16.84
N LYS A 186 4.88 -12.49 -17.71
CA LYS A 186 3.64 -13.01 -18.26
C LYS A 186 3.82 -13.69 -19.62
N ASP A 187 5.04 -13.64 -20.15
CA ASP A 187 5.31 -14.25 -21.45
C ASP A 187 5.16 -15.76 -21.41
N PRO A 188 4.41 -16.29 -22.37
CA PRO A 188 4.17 -17.74 -22.47
C PRO A 188 5.44 -18.58 -22.65
N GLU A 189 6.46 -18.03 -23.30
CA GLU A 189 7.69 -18.78 -23.57
C GLU A 189 8.75 -18.68 -22.47
N LEU A 190 8.47 -17.88 -21.44
CA LEU A 190 9.39 -17.72 -20.34
C LEU A 190 9.66 -19.06 -19.65
N PRO A 191 10.93 -19.39 -19.42
CA PRO A 191 11.27 -20.61 -18.71
C PRO A 191 10.76 -20.51 -17.28
N ARG A 192 10.08 -21.54 -16.78
CA ARG A 192 9.54 -21.54 -15.42
C ARG A 192 9.77 -22.86 -14.73
N ASN A 193 10.69 -23.66 -15.24
CA ASN A 193 10.94 -24.98 -14.65
CA ASN A 193 10.95 -25.00 -14.70
C ASN A 193 12.40 -25.26 -14.36
N THR A 194 13.17 -24.19 -14.16
CA THR A 194 14.58 -24.35 -13.83
C THR A 194 14.65 -24.98 -12.45
N PRO A 195 15.37 -26.10 -12.33
CA PRO A 195 15.45 -26.82 -11.07
C PRO A 195 16.02 -25.96 -9.93
N LYS A 196 15.40 -26.06 -8.76
CA LYS A 196 15.92 -25.36 -7.58
C LYS A 196 17.22 -26.05 -7.17
N ARG A 197 18.28 -25.26 -6.96
CA ARG A 197 19.58 -25.83 -6.61
C ARG A 197 20.14 -25.20 -5.35
N SER A 198 21.17 -25.81 -4.79
CA SER A 198 21.82 -25.27 -3.60
C SER A 198 22.68 -24.08 -3.98
N ILE A 199 22.92 -23.20 -3.01
CA ILE A 199 23.79 -22.04 -3.20
C ILE A 199 25.17 -22.45 -3.70
N GLU A 200 25.76 -23.49 -3.12
CA GLU A 200 27.09 -23.98 -3.52
C GLU A 200 27.10 -24.33 -5.00
N THR A 201 26.10 -25.09 -5.44
CA THR A 201 25.99 -25.47 -6.84
C THR A 201 25.85 -24.22 -7.73
N LEU A 202 24.95 -23.32 -7.35
CA LEU A 202 24.70 -22.12 -8.16
C LEU A 202 25.94 -21.23 -8.28
N LEU A 203 26.74 -21.16 -7.21
CA LEU A 203 27.94 -20.32 -7.22
C LEU A 203 29.06 -20.87 -8.11
N LYS A 204 29.08 -22.19 -8.35
CA LYS A 204 30.11 -22.80 -9.19
C LYS A 204 29.66 -22.96 -10.64
N CYS A 205 28.35 -22.93 -10.88
CA CYS A 205 27.78 -23.05 -12.22
C CYS A 205 27.87 -21.74 -12.99
N GLU A 206 27.89 -21.82 -14.31
CA GLU A 206 27.91 -20.63 -15.14
C GLU A 206 26.70 -19.76 -14.77
N PHE A 207 26.89 -18.45 -14.68
CA PHE A 207 25.79 -17.55 -14.33
C PHE A 207 24.98 -17.20 -15.57
N SER A 208 23.66 -17.27 -15.44
CA SER A 208 22.78 -16.83 -16.53
C SER A 208 21.46 -16.27 -15.97
N ASN A 209 20.69 -15.62 -16.83
CA ASN A 209 19.42 -15.00 -16.47
C ASN A 209 18.32 -15.59 -17.35
N ASP A 210 17.39 -16.32 -16.74
CA ASP A 210 16.32 -17.00 -17.46
C ASP A 210 15.41 -16.04 -18.26
N CYS A 211 15.36 -14.77 -17.86
CA CYS A 211 14.50 -13.80 -18.56
C CYS A 211 15.11 -13.33 -19.88
N GLU A 212 16.41 -13.55 -20.03
CA GLU A 212 17.14 -13.03 -21.18
C GLU A 212 16.59 -13.49 -22.53
N VAL A 213 16.29 -14.77 -22.66
CA VAL A 213 15.77 -15.29 -23.93
C VAL A 213 14.52 -14.53 -24.37
N ILE A 214 13.63 -14.25 -23.41
CA ILE A 214 12.41 -13.51 -23.68
C ILE A 214 12.71 -12.05 -24.03
N ALA A 215 13.59 -11.42 -23.26
CA ALA A 215 13.92 -10.02 -23.48
C ALA A 215 14.50 -9.81 -24.88
N ARG A 216 15.38 -10.73 -25.29
CA ARG A 216 16.02 -10.66 -26.61
C ARG A 216 14.99 -10.85 -27.71
N LYS A 217 14.11 -11.82 -27.54
CA LYS A 217 13.10 -12.14 -28.55
C LYS A 217 12.09 -11.01 -28.75
N ARG A 218 11.63 -10.40 -27.67
CA ARG A 218 10.59 -9.38 -27.76
C ARG A 218 11.10 -7.95 -27.97
N PHE A 219 12.38 -7.70 -27.66
CA PHE A 219 12.92 -6.35 -27.81
C PHE A 219 14.20 -6.37 -28.61
N ARG A 220 14.06 -6.08 -29.90
CA ARG A 220 15.16 -6.12 -30.85
C ARG A 220 16.40 -5.36 -30.40
N GLU A 221 16.20 -4.21 -29.79
CA GLU A 221 17.34 -3.39 -29.37
C GLU A 221 18.07 -3.99 -28.17
N VAL A 222 17.35 -4.74 -27.33
CA VAL A 222 18.01 -5.45 -26.23
C VAL A 222 18.87 -6.53 -26.86
N ASP A 223 18.30 -7.23 -27.84
CA ASP A 223 19.05 -8.27 -28.55
C ASP A 223 20.33 -7.68 -29.18
N ALA A 224 20.22 -6.49 -29.76
CA ALA A 224 21.37 -5.81 -30.37
C ALA A 224 22.42 -5.38 -29.35
N VAL A 225 21.99 -4.84 -28.21
CA VAL A 225 22.93 -4.47 -27.14
C VAL A 225 23.74 -5.70 -26.71
N LEU A 226 23.04 -6.82 -26.51
CA LEU A 226 23.67 -8.08 -26.14
C LEU A 226 24.66 -8.52 -27.20
N SER A 227 24.25 -8.44 -28.45
CA SER A 227 25.12 -8.81 -29.57
C SER A 227 26.41 -8.02 -29.54
N TRP A 228 26.30 -6.70 -29.37
CA TRP A 228 27.48 -5.83 -29.35
C TRP A 228 28.42 -6.14 -28.16
N LEU A 229 27.84 -6.22 -26.96
CA LEU A 229 28.64 -6.48 -25.75
C LEU A 229 29.32 -7.86 -25.79
N LEU A 230 28.62 -8.88 -26.28
CA LEU A 230 29.17 -10.24 -26.34
C LEU A 230 30.40 -10.33 -27.24
N GLU A 231 30.62 -9.30 -28.03
CA GLU A 231 31.81 -9.23 -28.88
C GLU A 231 33.03 -8.98 -28.01
N TYR A 232 32.81 -8.39 -26.84
CA TYR A 232 33.93 -7.99 -25.98
C TYR A 232 34.07 -8.77 -24.66
N ALA A 233 32.96 -9.27 -24.11
CA ALA A 233 33.02 -9.93 -22.81
C ALA A 233 31.73 -10.68 -22.46
N PRO A 234 31.79 -11.54 -21.44
CA PRO A 234 30.59 -12.24 -20.99
C PRO A 234 29.58 -11.18 -20.61
N SER A 235 28.36 -11.28 -21.13
CA SER A 235 27.34 -10.27 -20.94
C SER A 235 25.97 -10.91 -20.75
N ARG A 236 25.14 -10.30 -19.91
CA ARG A 236 23.78 -10.81 -19.72
C ARG A 236 22.86 -9.75 -19.23
N LEU A 237 21.57 -10.08 -19.28
CA LEU A 237 20.52 -9.22 -18.79
C LEU A 237 20.55 -9.20 -17.28
N THR A 238 20.19 -8.07 -16.70
CA THR A 238 19.96 -7.98 -15.27
C THR A 238 18.45 -7.75 -15.06
N GLY A 239 17.90 -8.28 -13.97
CA GLY A 239 16.48 -8.18 -13.70
C GLY A 239 15.67 -8.70 -14.88
N THR A 240 14.56 -8.04 -15.18
CA THR A 240 13.78 -8.39 -16.39
C THR A 240 14.17 -7.48 -17.56
N GLY A 241 15.33 -6.82 -17.46
CA GLY A 241 15.80 -5.92 -18.51
C GLY A 241 15.19 -4.54 -18.34
N ALA A 242 15.46 -3.60 -19.26
CA ALA A 242 16.25 -3.82 -20.47
C ALA A 242 17.76 -3.78 -20.30
N CYS A 243 18.23 -3.38 -19.12
CA CYS A 243 19.68 -3.28 -18.92
C CYS A 243 20.42 -4.60 -19.08
N VAL A 244 21.61 -4.49 -19.66
CA VAL A 244 22.50 -5.60 -19.89
C VAL A 244 23.84 -5.19 -19.34
N PHE A 245 24.59 -6.12 -18.76
CA PHE A 245 25.92 -5.81 -18.26
C PHE A 245 26.97 -6.76 -18.85
N ALA A 246 28.18 -6.24 -19.01
CA ALA A 246 29.32 -7.02 -19.46
C ALA A 246 30.30 -7.07 -18.30
N GLU A 247 30.93 -8.22 -18.10
CA GLU A 247 31.83 -8.44 -16.95
C GLU A 247 33.30 -8.30 -17.32
N PHE A 248 34.06 -7.63 -16.45
CA PHE A 248 35.48 -7.37 -16.65
C PHE A 248 36.25 -7.51 -15.35
N ASP A 249 37.51 -7.89 -15.46
CA ASP A 249 38.40 -8.04 -14.31
C ASP A 249 38.89 -6.70 -13.80
N THR A 250 39.06 -5.74 -14.70
CA THR A 250 39.56 -4.43 -14.30
C THR A 250 38.71 -3.29 -14.81
N GLU A 251 38.89 -2.13 -14.18
CA GLU A 251 38.21 -0.91 -14.59
C GLU A 251 38.69 -0.44 -15.95
N SER A 252 39.99 -0.59 -16.21
CA SER A 252 40.59 -0.13 -17.48
C SER A 252 39.99 -0.83 -18.70
N GLU A 253 39.89 -2.16 -18.67
CA GLU A 253 39.30 -2.85 -19.80
C GLU A 253 37.83 -2.44 -19.98
N ALA A 254 37.08 -2.37 -18.88
CA ALA A 254 35.67 -1.99 -18.96
C ALA A 254 35.53 -0.62 -19.62
N ARG A 255 36.36 0.32 -19.21
CA ARG A 255 36.27 1.69 -19.73
C ARG A 255 36.72 1.79 -21.18
N GLN A 256 37.60 0.89 -21.58
CA GLN A 256 38.09 0.89 -22.95
CA GLN A 256 38.10 0.85 -22.95
C GLN A 256 37.01 0.31 -23.87
N VAL A 257 36.24 -0.64 -23.37
CA VAL A 257 35.15 -1.20 -24.17
C VAL A 257 34.04 -0.15 -24.30
N LEU A 258 33.84 0.62 -23.23
CA LEU A 258 32.85 1.69 -23.23
C LEU A 258 33.13 2.77 -24.29
N GLU A 259 34.40 3.10 -24.50
CA GLU A 259 34.79 4.08 -25.52
C GLU A 259 34.55 3.53 -26.92
N GLN A 260 34.67 2.22 -27.08
CA GLN A 260 34.52 1.55 -28.37
C GLN A 260 33.06 1.27 -28.75
N ALA A 261 32.23 1.04 -27.74
CA ALA A 261 30.83 0.66 -27.94
C ALA A 261 29.98 1.76 -28.55
N PRO A 262 28.92 1.35 -29.25
CA PRO A 262 27.99 2.31 -29.85
C PRO A 262 27.50 3.26 -28.79
N GLU A 263 27.33 4.52 -29.12
CA GLU A 263 26.89 5.50 -28.14
C GLU A 263 25.44 5.25 -27.69
N TRP A 264 24.64 4.65 -28.56
CA TRP A 264 23.25 4.36 -28.21
C TRP A 264 23.14 3.24 -27.13
N LEU A 265 24.29 2.66 -26.72
CA LEU A 265 24.27 1.70 -25.63
C LEU A 265 24.02 2.42 -24.30
N ASN A 266 24.18 3.75 -24.29
CA ASN A 266 24.01 4.54 -23.08
C ASN A 266 24.70 3.88 -21.91
N GLY A 267 25.95 3.49 -22.09
CA GLY A 267 26.64 2.74 -21.06
C GLY A 267 27.32 3.53 -19.95
N PHE A 268 27.52 2.86 -18.82
CA PHE A 268 28.30 3.41 -17.74
C PHE A 268 29.12 2.26 -17.16
N VAL A 269 30.23 2.59 -16.53
CA VAL A 269 31.10 1.60 -15.91
C VAL A 269 31.04 1.76 -14.40
N ALA A 270 30.93 0.63 -13.70
CA ALA A 270 30.87 0.64 -12.25
C ALA A 270 31.40 -0.65 -11.67
N LYS A 271 31.93 -0.57 -10.46
CA LYS A 271 32.44 -1.72 -9.77
C LYS A 271 31.33 -2.35 -8.95
N GLY A 272 31.27 -3.69 -8.99
CA GLY A 272 30.35 -4.45 -8.16
C GLY A 272 30.94 -4.56 -6.76
N VAL A 273 30.11 -4.36 -5.75
CA VAL A 273 30.55 -4.40 -4.36
C VAL A 273 29.55 -5.16 -3.54
N ASN A 274 30.05 -5.93 -2.58
CA ASN A 274 29.21 -6.77 -1.74
C ASN A 274 28.68 -6.05 -0.49
N LEU A 275 29.27 -4.91 -0.15
CA LEU A 275 28.74 -4.07 0.91
C LEU A 275 28.15 -2.87 0.19
N SER A 276 26.88 -2.57 0.44
CA SER A 276 26.23 -1.44 -0.24
C SER A 276 26.93 -0.11 0.06
N PRO A 277 27.12 0.73 -0.95
CA PRO A 277 27.64 2.09 -0.74
C PRO A 277 26.86 2.85 0.36
N LEU A 278 25.57 2.56 0.52
CA LEU A 278 24.79 3.22 1.58
C LEU A 278 25.39 2.92 2.95
N HIS A 279 25.57 1.63 3.24
CA HIS A 279 26.11 1.21 4.52
C HIS A 279 27.58 1.58 4.66
N ARG A 280 28.32 1.52 3.56
CA ARG A 280 29.73 1.90 3.56
C ARG A 280 29.89 3.35 4.01
N ALA A 281 29.05 4.23 3.48
CA ALA A 281 29.07 5.65 3.85
C ALA A 281 28.69 5.89 5.31
N LEU A 283 29.85 3.96 7.81
CA LEU A 283 30.88 3.38 8.64
C LEU A 283 31.66 4.46 9.41
N ARG B 2 -22.91 -16.49 -9.17
CA ARG B 2 -22.66 -15.17 -8.61
CA ARG B 2 -22.64 -15.18 -8.60
C ARG B 2 -23.19 -15.13 -7.18
N THR B 3 -22.38 -14.65 -6.23
CA THR B 3 -22.85 -14.51 -4.85
C THR B 3 -22.96 -13.03 -4.52
N GLN B 4 -23.89 -12.68 -3.63
CA GLN B 4 -24.11 -11.29 -3.23
C GLN B 4 -23.84 -11.14 -1.75
N TRP B 5 -23.14 -10.06 -1.40
CA TRP B 5 -22.70 -9.81 -0.03
C TRP B 5 -23.04 -8.38 0.43
N PRO B 6 -23.53 -8.25 1.66
CA PRO B 6 -23.83 -6.94 2.22
C PRO B 6 -22.55 -6.18 2.53
N SER B 7 -22.64 -4.86 2.39
CA SER B 7 -21.55 -3.95 2.73
C SER B 7 -22.25 -2.81 3.44
N PRO B 8 -22.49 -2.99 4.74
CA PRO B 8 -23.29 -2.02 5.51
C PRO B 8 -22.56 -0.73 5.84
N ALA B 9 -23.34 0.30 6.14
CA ALA B 9 -22.78 1.55 6.60
C ALA B 9 -22.46 1.40 8.07
N LYS B 10 -21.77 2.40 8.63
CA LYS B 10 -21.49 2.47 10.04
C LYS B 10 -21.87 3.87 10.52
N LEU B 11 -22.16 4.02 11.81
CA LEU B 11 -22.29 5.32 12.45
C LEU B 11 -21.32 5.37 13.61
N ASN B 12 -20.66 6.50 13.80
CA ASN B 12 -19.95 6.74 15.06
C ASN B 12 -21.00 7.30 16.01
N LEU B 13 -21.50 6.48 16.93
CA LEU B 13 -22.53 6.92 17.88
C LEU B 13 -21.97 8.04 18.75
N PHE B 14 -20.68 7.96 19.04
CA PHE B 14 -19.96 9.05 19.65
C PHE B 14 -18.54 9.04 19.08
N LEU B 15 -17.84 10.16 19.16
CA LEU B 15 -16.50 10.28 18.60
C LEU B 15 -15.73 11.37 19.31
N TYR B 16 -14.69 10.98 20.05
CA TYR B 16 -13.85 11.92 20.79
C TYR B 16 -12.43 11.84 20.28
N ILE B 17 -11.81 13.00 20.09
CA ILE B 17 -10.45 13.04 19.61
C ILE B 17 -9.53 13.30 20.81
N THR B 18 -8.73 12.30 21.16
CA THR B 18 -7.91 12.39 22.37
C THR B 18 -6.50 12.93 22.19
N GLY B 19 -6.03 13.02 20.94
CA GLY B 19 -4.70 13.54 20.69
C GLY B 19 -4.27 13.29 19.27
N GLN B 20 -3.06 13.72 18.93
CA GLN B 20 -2.56 13.50 17.57
C GLN B 20 -1.21 12.78 17.59
N ARG B 21 -1.07 11.77 16.74
CA ARG B 21 0.17 11.02 16.63
C ARG B 21 1.18 11.79 15.76
N ALA B 22 2.46 11.48 15.92
CA ALA B 22 3.51 12.13 15.14
C ALA B 22 3.40 11.88 13.63
N ASP B 23 2.68 10.85 13.23
CA ASP B 23 2.51 10.58 11.79
C ASP B 23 1.31 11.35 11.20
N GLY B 24 0.71 12.22 12.00
CA GLY B 24 -0.43 13.02 11.55
C GLY B 24 -1.81 12.47 11.91
N TYR B 25 -1.91 11.17 12.16
CA TYR B 25 -3.20 10.59 12.52
C TYR B 25 -3.63 10.98 13.94
N HIS B 26 -4.93 11.03 14.17
CA HIS B 26 -5.48 11.39 15.48
C HIS B 26 -5.93 10.15 16.23
N THR B 27 -5.70 10.12 17.54
CA THR B 27 -6.17 8.99 18.34
C THR B 27 -7.61 9.30 18.76
N LEU B 28 -8.43 8.26 18.85
CA LEU B 28 -9.83 8.42 19.12
C LEU B 28 -10.38 7.54 20.23
N GLN B 29 -11.59 7.87 20.65
CA GLN B 29 -12.41 7.00 21.45
C GLN B 29 -13.74 7.12 20.74
N THR B 30 -14.19 6.04 20.12
CA THR B 30 -15.39 6.10 19.34
C THR B 30 -16.20 4.83 19.49
N LEU B 31 -17.50 4.94 19.25
CA LEU B 31 -18.38 3.80 19.33
C LEU B 31 -19.01 3.56 17.96
N PHE B 32 -18.69 2.42 17.37
CA PHE B 32 -19.23 2.02 16.08
C PHE B 32 -20.49 1.16 16.22
N GLN B 33 -21.47 1.42 15.36
CA GLN B 33 -22.63 0.55 15.24
C GLN B 33 -22.96 0.48 13.78
N PHE B 34 -23.35 -0.70 13.29
CA PHE B 34 -23.69 -0.83 11.89
C PHE B 34 -25.12 -0.38 11.63
N LEU B 35 -25.39 -0.06 10.37
CA LEU B 35 -26.75 0.20 9.93
C LEU B 35 -27.15 -0.98 9.07
N ASP B 36 -28.40 -1.43 9.22
CA ASP B 36 -28.90 -2.52 8.37
C ASP B 36 -29.30 -1.93 7.02
N TYR B 37 -28.28 -1.41 6.33
CA TYR B 37 -28.46 -0.68 5.11
C TYR B 37 -27.08 -0.46 4.51
N GLY B 38 -26.96 -0.57 3.20
CA GLY B 38 -25.66 -0.33 2.58
C GLY B 38 -25.56 -0.78 1.15
N ASP B 39 -24.32 -0.96 0.71
CA ASP B 39 -24.07 -1.40 -0.65
C ASP B 39 -24.19 -2.89 -0.73
N THR B 40 -24.30 -3.40 -1.96
CA THR B 40 -24.32 -4.83 -2.20
CA THR B 40 -24.29 -4.84 -2.18
C THR B 40 -23.19 -5.16 -3.16
N ILE B 41 -22.37 -6.14 -2.81
CA ILE B 41 -21.25 -6.52 -3.64
C ILE B 41 -21.47 -7.92 -4.20
N SER B 42 -21.36 -8.04 -5.53
CA SER B 42 -21.54 -9.32 -6.20
C SER B 42 -20.19 -9.86 -6.65
N ILE B 43 -20.02 -11.17 -6.55
CA ILE B 43 -18.76 -11.80 -6.92
C ILE B 43 -18.96 -13.07 -7.74
N GLU B 44 -18.19 -13.20 -8.81
CA GLU B 44 -18.14 -14.44 -9.58
C GLU B 44 -16.66 -14.86 -9.62
N LEU B 45 -16.37 -16.09 -9.23
CA LEU B 45 -14.97 -16.56 -9.20
C LEU B 45 -14.39 -16.74 -10.60
N ARG B 46 -13.08 -16.52 -10.72
CA ARG B 46 -12.37 -16.74 -11.94
C ARG B 46 -11.33 -17.80 -11.63
N ASP B 47 -10.77 -18.45 -12.65
CA ASP B 47 -9.70 -19.42 -12.42
C ASP B 47 -8.41 -19.04 -13.16
N ASP B 48 -8.31 -17.77 -13.57
CA ASP B 48 -7.14 -17.29 -14.30
C ASP B 48 -6.33 -16.26 -13.51
N GLY B 49 -6.60 -16.16 -12.22
CA GLY B 49 -5.85 -15.28 -11.35
C GLY B 49 -6.17 -13.81 -11.46
N ASP B 50 -7.10 -13.46 -12.35
CA ASP B 50 -7.41 -12.05 -12.54
C ASP B 50 -8.36 -11.47 -11.50
N ILE B 51 -8.23 -10.16 -11.25
CA ILE B 51 -9.17 -9.44 -10.42
C ILE B 51 -9.80 -8.36 -11.30
N ARG B 52 -11.11 -8.46 -11.54
CA ARG B 52 -11.80 -7.47 -12.37
C ARG B 52 -12.99 -6.82 -11.67
N LEU B 53 -12.88 -5.52 -11.41
CA LEU B 53 -13.99 -4.75 -10.87
C LEU B 53 -14.76 -4.29 -12.10
N LEU B 54 -15.97 -4.81 -12.26
CA LEU B 54 -16.79 -4.57 -13.46
C LEU B 54 -17.58 -3.27 -13.45
N THR B 55 -17.79 -2.70 -12.26
CA THR B 55 -18.57 -1.47 -12.15
C THR B 55 -17.73 -0.35 -11.57
N PRO B 56 -17.53 0.70 -12.36
CA PRO B 56 -16.79 1.87 -11.89
C PRO B 56 -17.56 2.61 -10.80
N VAL B 57 -16.82 3.05 -9.78
CA VAL B 57 -17.40 3.86 -8.73
C VAL B 57 -16.95 5.27 -9.01
N GLU B 58 -17.91 6.19 -9.04
CA GLU B 58 -17.68 7.61 -9.37
C GLU B 58 -16.31 8.15 -8.97
N GLY B 59 -15.52 8.51 -9.98
CA GLY B 59 -14.21 9.13 -9.79
C GLY B 59 -13.12 8.29 -9.15
N VAL B 60 -13.33 6.99 -9.05
CA VAL B 60 -12.31 6.13 -8.47
C VAL B 60 -11.75 5.19 -9.54
N GLU B 61 -10.45 5.32 -9.81
CA GLU B 61 -9.80 4.48 -10.80
C GLU B 61 -9.76 3.03 -10.29
N HIS B 62 -9.81 2.08 -11.21
CA HIS B 62 -9.83 0.65 -10.88
C HIS B 62 -8.83 0.28 -9.76
N GLU B 63 -7.57 0.67 -9.93
CA GLU B 63 -6.55 0.27 -8.97
C GLU B 63 -6.60 1.06 -7.66
N ASP B 64 -7.29 2.19 -7.64
CA ASP B 64 -7.47 2.97 -6.42
C ASP B 64 -8.67 2.50 -5.61
N ASN B 65 -9.57 1.76 -6.25
CA ASN B 65 -10.77 1.29 -5.57
C ASN B 65 -10.44 0.33 -4.44
N LEU B 66 -11.00 0.57 -3.25
CA LEU B 66 -10.68 -0.27 -2.09
C LEU B 66 -11.10 -1.73 -2.32
N ILE B 67 -12.06 -1.94 -3.20
CA ILE B 67 -12.47 -3.30 -3.55
C ILE B 67 -11.31 -4.08 -4.20
N VAL B 68 -10.67 -3.46 -5.17
CA VAL B 68 -9.55 -4.09 -5.88
C VAL B 68 -8.34 -4.21 -4.98
N ARG B 69 -8.05 -3.14 -4.23
CA ARG B 69 -6.92 -3.18 -3.31
C ARG B 69 -7.10 -4.30 -2.29
N ALA B 70 -8.32 -4.48 -1.79
CA ALA B 70 -8.58 -5.56 -0.84
C ALA B 70 -8.37 -6.95 -1.48
N ALA B 71 -8.90 -7.16 -2.69
CA ALA B 71 -8.78 -8.45 -3.35
C ALA B 71 -7.33 -8.82 -3.63
N ARG B 72 -6.56 -7.85 -4.10
CA ARG B 72 -5.14 -8.08 -4.41
C ARG B 72 -4.31 -8.35 -3.15
N LEU B 73 -4.61 -7.62 -2.08
CA LEU B 73 -3.91 -7.78 -0.82
C LEU B 73 -4.16 -9.16 -0.25
N LEU B 74 -5.42 -9.61 -0.28
CA LEU B 74 -5.76 -10.95 0.20
C LEU B 74 -5.08 -12.01 -0.65
N LYS B 76 -2.36 -11.88 -2.48
CA LYS B 76 -0.92 -11.92 -2.21
C LYS B 76 -0.62 -12.53 -0.83
N THR B 77 -1.27 -12.02 0.19
CA THR B 77 -1.09 -12.52 1.55
C THR B 77 -1.37 -14.02 1.66
N ALA B 78 -2.48 -14.46 1.09
CA ALA B 78 -2.84 -15.88 1.12
C ALA B 78 -1.82 -16.74 0.40
N ALA B 79 -1.37 -16.29 -0.78
CA ALA B 79 -0.39 -17.06 -1.53
C ALA B 79 0.97 -17.07 -0.80
N ASP B 80 1.29 -15.97 -0.13
CA ASP B 80 2.53 -15.86 0.63
C ASP B 80 2.63 -16.94 1.68
N SER B 81 1.49 -17.31 2.25
CA SER B 81 1.46 -18.30 3.32
C SER B 81 0.89 -19.62 2.84
N GLY B 82 0.87 -19.82 1.53
CA GLY B 82 0.39 -21.08 0.95
C GLY B 82 -1.07 -21.42 1.17
N ARG B 83 -1.93 -20.41 1.33
CA ARG B 83 -3.35 -20.67 1.56
C ARG B 83 -4.27 -20.22 0.41
N LEU B 84 -3.75 -20.20 -0.82
CA LEU B 84 -4.55 -19.79 -1.97
C LEU B 84 -4.57 -20.87 -3.04
N PRO B 85 -5.76 -21.35 -3.39
CA PRO B 85 -5.90 -22.30 -4.49
C PRO B 85 -5.38 -21.71 -5.80
N THR B 86 -4.68 -22.52 -6.57
CA THR B 86 -4.10 -22.10 -7.84
C THR B 86 -5.13 -21.47 -8.78
N GLY B 87 -4.80 -20.30 -9.31
CA GLY B 87 -5.67 -19.63 -10.28
C GLY B 87 -6.83 -18.81 -9.72
N SER B 88 -6.93 -18.74 -8.40
CA SER B 88 -7.98 -17.97 -7.75
C SER B 88 -8.04 -16.56 -8.30
N GLY B 89 -9.23 -16.14 -8.70
CA GLY B 89 -9.45 -14.79 -9.17
C GLY B 89 -10.90 -14.42 -8.94
N ALA B 90 -11.31 -13.28 -9.46
CA ALA B 90 -12.69 -12.84 -9.26
C ALA B 90 -13.12 -11.66 -10.09
N ASN B 91 -14.37 -11.72 -10.53
CA ASN B 91 -15.06 -10.62 -11.15
C ASN B 91 -15.90 -10.06 -10.01
N ILE B 92 -15.84 -8.74 -9.81
CA ILE B 92 -16.57 -8.13 -8.71
C ILE B 92 -17.38 -6.96 -9.22
N SER B 93 -18.60 -6.82 -8.72
CA SER B 93 -19.41 -5.68 -9.10
C SER B 93 -20.06 -5.12 -7.86
N ILE B 94 -20.47 -3.85 -7.91
CA ILE B 94 -21.11 -3.28 -6.74
C ILE B 94 -22.32 -2.42 -7.06
N ASP B 95 -23.33 -2.53 -6.22
CA ASP B 95 -24.48 -1.67 -6.29
C ASP B 95 -24.24 -0.66 -5.19
N LYS B 96 -23.72 0.51 -5.57
CA LYS B 96 -23.33 1.52 -4.61
C LYS B 96 -24.48 2.44 -4.22
N ARG B 97 -24.92 2.32 -2.97
CA ARG B 97 -26.02 3.14 -2.43
C ARG B 97 -25.51 4.19 -1.44
N LEU B 98 -24.38 3.89 -0.77
CA LEU B 98 -23.80 4.81 0.23
C LEU B 98 -23.06 5.98 -0.41
N PRO B 99 -23.20 7.16 0.17
CA PRO B 99 -22.53 8.35 -0.35
C PRO B 99 -21.03 8.31 -0.09
N GLY B 101 -17.58 9.82 1.07
CA GLY B 101 -17.33 10.74 2.15
C GLY B 101 -18.47 10.41 3.09
N GLY B 102 -19.21 11.41 3.50
CA GLY B 102 -20.38 11.18 4.32
C GLY B 102 -20.14 10.78 5.76
N GLY B 103 -19.07 10.02 6.02
CA GLY B 103 -18.80 9.57 7.37
C GLY B 103 -19.52 8.25 7.70
N LEU B 104 -19.98 7.58 6.65
CA LEU B 104 -20.70 6.30 6.78
C LEU B 104 -19.78 5.11 6.59
N GLY B 105 -18.52 5.39 6.23
CA GLY B 105 -17.52 4.34 6.09
C GLY B 105 -17.72 3.41 4.91
N GLY B 106 -18.40 3.88 3.87
CA GLY B 106 -18.73 3.08 2.69
C GLY B 106 -17.55 2.37 2.02
N GLY B 107 -16.50 3.12 1.70
CA GLY B 107 -15.31 2.53 1.08
C GLY B 107 -14.65 1.47 1.95
N SER B 108 -14.54 1.73 3.25
CA SER B 108 -13.96 0.75 4.17
C SER B 108 -14.84 -0.49 4.29
N SER B 109 -16.15 -0.28 4.29
CA SER B 109 -17.08 -1.40 4.37
C SER B 109 -16.91 -2.27 3.11
N ASN B 110 -16.81 -1.63 1.94
CA ASN B 110 -16.57 -2.36 0.69
C ASN B 110 -15.31 -3.24 0.81
N ALA B 111 -14.24 -2.67 1.35
CA ALA B 111 -12.98 -3.41 1.51
C ALA B 111 -13.15 -4.61 2.43
N ALA B 112 -13.80 -4.39 3.57
CA ALA B 112 -14.00 -5.45 4.57
C ALA B 112 -14.87 -6.56 4.02
N THR B 113 -15.90 -6.19 3.28
CA THR B 113 -16.79 -7.17 2.68
C THR B 113 -16.05 -8.01 1.67
N VAL B 114 -15.19 -7.38 0.87
CA VAL B 114 -14.39 -8.10 -0.14
C VAL B 114 -13.41 -9.06 0.56
N LEU B 115 -12.73 -8.58 1.60
CA LEU B 115 -11.80 -9.42 2.36
C LEU B 115 -12.49 -10.65 2.93
N VAL B 116 -13.62 -10.44 3.61
CA VAL B 116 -14.34 -11.55 4.23
C VAL B 116 -14.94 -12.51 3.21
N ALA B 117 -15.53 -11.96 2.15
CA ALA B 117 -16.16 -12.80 1.12
C ALA B 117 -15.14 -13.65 0.37
N LEU B 118 -14.07 -13.01 -0.10
CA LEU B 118 -13.06 -13.73 -0.89
C LEU B 118 -12.32 -14.74 -0.01
N ASN B 119 -12.12 -14.40 1.26
CA ASN B 119 -11.49 -15.37 2.18
C ASN B 119 -12.33 -16.62 2.21
N HIS B 120 -13.66 -16.46 2.21
CA HIS B 120 -14.59 -17.58 2.21
C HIS B 120 -14.64 -18.30 0.86
N LEU B 121 -14.81 -17.54 -0.22
CA LEU B 121 -14.96 -18.12 -1.55
C LEU B 121 -13.67 -18.78 -2.06
N TRP B 122 -12.52 -18.17 -1.75
CA TRP B 122 -11.21 -18.74 -2.15
C TRP B 122 -10.72 -19.76 -1.13
N GLN B 123 -11.49 -19.96 -0.06
CA GLN B 123 -11.17 -20.95 0.98
C GLN B 123 -9.78 -20.77 1.61
N CYS B 124 -9.41 -19.53 1.92
CA CYS B 124 -8.08 -19.25 2.43
C CYS B 124 -7.91 -19.59 3.92
N GLY B 125 -9.03 -19.55 4.65
CA GLY B 125 -9.01 -19.88 6.06
C GLY B 125 -8.29 -18.88 6.95
N LEU B 126 -8.14 -17.62 6.50
CA LEU B 126 -7.50 -16.61 7.34
C LEU B 126 -8.43 -16.26 8.49
N SER B 127 -7.89 -15.86 9.62
CA SER B 127 -8.70 -15.48 10.76
C SER B 127 -9.14 -14.04 10.62
N ASP B 129 -8.62 -11.89 12.74
CA ASP B 129 -7.46 -11.15 13.23
C ASP B 129 -6.54 -10.79 12.05
N GLU B 130 -6.29 -11.79 11.20
CA GLU B 130 -5.42 -11.60 10.03
C GLU B 130 -6.04 -10.67 9.01
N LEU B 131 -7.34 -10.85 8.79
CA LEU B 131 -8.06 -10.01 7.83
C LEU B 131 -8.09 -8.58 8.34
N ALA B 132 -8.37 -8.41 9.63
CA ALA B 132 -8.40 -7.06 10.22
C ALA B 132 -7.02 -6.39 10.17
N GLU B 133 -5.97 -7.20 10.35
CA GLU B 133 -4.61 -6.67 10.28
C GLU B 133 -4.31 -6.10 8.90
N GLY B 135 -6.57 -5.40 6.65
CA GLY B 135 -7.60 -4.41 6.40
C GLY B 135 -7.19 -3.03 6.87
N LEU B 136 -6.48 -3.00 8.00
CA LEU B 136 -6.01 -1.74 8.56
C LEU B 136 -5.12 -0.96 7.58
N THR B 137 -4.37 -1.66 6.75
CA THR B 137 -3.50 -0.96 5.77
C THR B 137 -4.32 -0.20 4.74
N LEU B 138 -5.60 -0.58 4.60
CA LEU B 138 -6.48 0.05 3.62
C LEU B 138 -7.31 1.17 4.20
N GLY B 139 -7.53 1.15 5.51
CA GLY B 139 -8.31 2.17 6.17
C GLY B 139 -8.51 1.90 7.65
N ALA B 140 -8.57 2.97 8.43
CA ALA B 140 -8.77 2.88 9.88
C ALA B 140 -10.12 2.25 10.25
N ASP B 141 -11.14 2.48 9.41
CA ASP B 141 -12.48 1.93 9.63
C ASP B 141 -12.64 0.48 9.14
N VAL B 142 -11.66 -0.05 8.42
CA VAL B 142 -11.85 -1.39 7.85
C VAL B 142 -11.98 -2.50 8.91
N PRO B 143 -11.12 -2.51 9.92
CA PRO B 143 -11.18 -3.55 10.97
C PRO B 143 -12.55 -3.72 11.66
N VAL B 144 -13.24 -2.65 11.98
CA VAL B 144 -14.54 -2.84 12.66
C VAL B 144 -15.50 -3.64 11.79
N PHE B 145 -15.51 -3.33 10.49
CA PHE B 145 -16.37 -4.03 9.53
C PHE B 145 -15.96 -5.50 9.40
N VAL B 146 -14.65 -5.75 9.42
CA VAL B 146 -14.13 -7.12 9.33
C VAL B 146 -14.55 -7.97 10.53
N ARG B 147 -14.43 -7.42 11.73
CA ARG B 147 -14.74 -8.19 12.94
C ARG B 147 -16.24 -8.34 13.13
N GLY B 148 -17.01 -7.45 12.50
CA GLY B 148 -18.46 -7.58 12.44
C GLY B 148 -19.34 -7.32 13.65
N HIS B 149 -18.81 -6.66 14.68
CA HIS B 149 -19.64 -6.35 15.85
C HIS B 149 -19.56 -4.87 16.29
N ALA B 150 -20.70 -4.32 16.76
CA ALA B 150 -20.68 -2.98 17.33
C ALA B 150 -19.56 -2.99 18.34
N ALA B 151 -18.81 -1.89 18.42
CA ALA B 151 -17.60 -1.89 19.24
C ALA B 151 -17.12 -0.52 19.62
N PHE B 152 -16.46 -0.47 20.77
CA PHE B 152 -15.75 0.69 21.23
C PHE B 152 -14.37 0.60 20.64
N ALA B 153 -13.83 1.73 20.19
CA ALA B 153 -12.51 1.69 19.57
C ALA B 153 -11.58 2.79 20.05
N GLU B 154 -10.31 2.42 20.24
CA GLU B 154 -9.27 3.39 20.56
C GLU B 154 -8.25 3.33 19.43
N GLY B 155 -7.06 3.88 19.66
CA GLY B 155 -6.06 3.99 18.62
C GLY B 155 -6.59 4.95 17.57
N VAL B 156 -6.47 4.58 16.30
CA VAL B 156 -7.05 5.39 15.23
C VAL B 156 -8.42 4.81 14.82
N GLY B 157 -8.92 3.88 15.64
CA GLY B 157 -10.23 3.26 15.43
C GLY B 157 -10.18 1.75 15.26
N GLU B 158 -8.98 1.16 15.37
CA GLU B 158 -8.77 -0.27 15.16
C GLU B 158 -8.63 -1.12 16.43
N ILE B 159 -8.45 -0.48 17.58
CA ILE B 159 -8.30 -1.22 18.85
C ILE B 159 -9.70 -1.39 19.41
N LEU B 160 -10.30 -2.55 19.13
CA LEU B 160 -11.73 -2.74 19.34
C LEU B 160 -12.17 -3.66 20.48
N THR B 161 -13.24 -3.22 21.15
CA THR B 161 -13.89 -3.97 22.22
C THR B 161 -15.38 -4.06 21.92
N PRO B 162 -15.87 -5.27 21.70
CA PRO B 162 -17.29 -5.45 21.39
C PRO B 162 -18.15 -4.94 22.53
N VAL B 163 -19.16 -4.16 22.20
CA VAL B 163 -20.14 -3.66 23.16
C VAL B 163 -21.53 -3.78 22.54
N ASP B 164 -22.58 -3.55 23.32
CA ASP B 164 -23.93 -3.74 22.81
C ASP B 164 -24.84 -2.54 23.10
N PRO B 165 -24.65 -1.44 22.37
CA PRO B 165 -25.47 -0.25 22.58
C PRO B 165 -26.88 -0.51 22.08
N PRO B 166 -27.86 0.25 22.55
CA PRO B 166 -29.24 0.11 22.08
C PRO B 166 -29.30 0.16 20.55
N GLU B 167 -30.17 -0.66 19.97
CA GLU B 167 -30.35 -0.71 18.53
C GLU B 167 -31.54 0.18 18.10
N LYS B 168 -31.27 1.46 17.89
CA LYS B 168 -32.30 2.41 17.53
C LYS B 168 -32.52 2.48 16.02
N TRP B 169 -33.51 3.28 15.63
CA TRP B 169 -33.74 3.56 14.22
C TRP B 169 -33.18 4.94 13.93
N TYR B 170 -32.60 5.10 12.74
CA TYR B 170 -31.96 6.36 12.40
C TYR B 170 -32.43 6.96 11.08
N LEU B 171 -32.53 8.28 11.07
CA LEU B 171 -32.77 9.02 9.85
C LEU B 171 -31.41 9.61 9.51
N VAL B 172 -30.80 9.17 8.42
CA VAL B 172 -29.47 9.65 8.04
C VAL B 172 -29.60 10.60 6.87
N ALA B 173 -29.04 11.80 7.02
CA ALA B 173 -29.17 12.82 5.99
C ALA B 173 -27.83 13.40 5.55
N HIS B 174 -27.83 13.95 4.32
CA HIS B 174 -26.65 14.65 3.81
CA HIS B 174 -26.64 14.52 3.68
C HIS B 174 -27.09 15.68 2.77
N PRO B 175 -26.52 16.89 2.88
CA PRO B 175 -26.93 17.99 1.99
C PRO B 175 -26.28 17.96 0.60
N GLY B 176 -25.43 16.96 0.34
CA GLY B 176 -24.81 16.83 -0.96
C GLY B 176 -23.32 17.14 -1.02
N VAL B 177 -22.79 17.88 -0.05
CA VAL B 177 -21.37 18.22 -0.07
C VAL B 177 -20.49 17.03 0.33
N SER B 178 -19.38 16.86 -0.38
CA SER B 178 -18.46 15.77 -0.07
C SER B 178 -17.29 16.32 0.71
N ILE B 179 -17.26 16.03 2.01
CA ILE B 179 -16.18 16.51 2.86
C ILE B 179 -15.10 15.45 2.94
N PRO B 180 -13.90 15.77 2.48
CA PRO B 180 -12.77 14.82 2.59
C PRO B 180 -12.38 14.73 4.05
N THR B 181 -12.19 13.51 4.55
CA THR B 181 -11.78 13.29 5.94
C THR B 181 -10.68 14.25 6.41
N PRO B 182 -9.58 14.35 5.65
CA PRO B 182 -8.44 15.21 6.04
C PRO B 182 -8.79 16.69 6.25
N VAL B 183 -9.80 17.21 5.54
CA VAL B 183 -10.14 18.63 5.69
C VAL B 183 -10.60 18.94 7.12
N ILE B 184 -11.33 18.01 7.73
CA ILE B 184 -11.78 18.21 9.09
C ILE B 184 -10.63 17.97 10.08
N PHE B 185 -9.92 16.86 9.89
CA PHE B 185 -8.84 16.48 10.81
C PHE B 185 -7.67 17.48 10.83
N LYS B 186 -7.45 18.16 9.71
CA LYS B 186 -6.34 19.12 9.62
C LYS B 186 -6.75 20.53 10.06
N ASP B 187 -7.99 20.70 10.51
CA ASP B 187 -8.48 22.02 10.93
C ASP B 187 -7.85 22.46 12.25
N PRO B 188 -7.34 23.68 12.28
CA PRO B 188 -6.69 24.24 13.49
C PRO B 188 -7.61 24.32 14.69
N GLU B 189 -8.92 24.44 14.46
CA GLU B 189 -9.87 24.60 15.57
C GLU B 189 -10.46 23.27 16.07
N LEU B 190 -10.06 22.16 15.46
CA LEU B 190 -10.57 20.85 15.87
C LEU B 190 -10.12 20.49 17.29
N PRO B 191 -11.05 20.05 18.13
CA PRO B 191 -10.67 19.55 19.47
C PRO B 191 -9.71 18.38 19.31
N ARG B 192 -8.58 18.42 19.98
CA ARG B 192 -7.60 17.36 19.85
C ARG B 192 -7.10 16.91 21.18
N ASN B 193 -7.77 17.34 22.24
CA ASN B 193 -7.30 17.07 23.58
C ASN B 193 -8.39 16.60 24.54
N THR B 194 -9.43 15.97 24.02
CA THR B 194 -10.48 15.44 24.88
C THR B 194 -9.87 14.35 25.77
N PRO B 195 -10.11 14.44 27.08
CA PRO B 195 -9.57 13.45 28.02
C PRO B 195 -10.02 12.03 27.70
N LYS B 196 -9.12 11.05 27.83
CA LYS B 196 -9.47 9.66 27.62
C LYS B 196 -10.34 9.21 28.79
N ARG B 197 -11.42 8.51 28.49
CA ARG B 197 -12.34 8.06 29.53
C ARG B 197 -12.61 6.56 29.40
N SER B 198 -13.17 5.96 30.44
CA SER B 198 -13.44 4.53 30.43
C SER B 198 -14.66 4.20 29.57
N ILE B 199 -14.70 2.98 29.05
CA ILE B 199 -15.84 2.51 28.29
C ILE B 199 -17.14 2.73 29.07
N GLU B 200 -17.16 2.30 30.33
CA GLU B 200 -18.40 2.36 31.13
C GLU B 200 -18.89 3.80 31.35
N THR B 201 -17.97 4.73 31.58
CA THR B 201 -18.34 6.11 31.74
C THR B 201 -18.81 6.70 30.41
N LEU B 202 -18.13 6.35 29.32
CA LEU B 202 -18.51 6.86 28.00
C LEU B 202 -19.88 6.36 27.56
N LEU B 203 -20.19 5.09 27.85
CA LEU B 203 -21.49 4.53 27.50
C LEU B 203 -22.64 5.19 28.29
N LYS B 204 -22.33 5.82 29.42
CA LYS B 204 -23.33 6.46 30.28
C LYS B 204 -23.44 7.97 30.05
N CYS B 205 -22.37 8.56 29.53
CA CYS B 205 -22.28 9.98 29.26
C CYS B 205 -23.16 10.37 28.05
N GLU B 206 -23.46 11.65 27.93
CA GLU B 206 -24.16 12.11 26.74
C GLU B 206 -23.21 11.89 25.53
N PHE B 207 -23.74 11.34 24.44
CA PHE B 207 -22.96 11.08 23.24
C PHE B 207 -22.77 12.35 22.42
N SER B 208 -21.54 12.60 21.98
CA SER B 208 -21.27 13.71 21.05
C SER B 208 -20.12 13.35 20.09
N ASN B 209 -19.94 14.17 19.06
CA ASN B 209 -18.91 13.99 18.05
C ASN B 209 -18.06 15.24 18.01
N ASP B 210 -16.80 15.09 18.40
CA ASP B 210 -15.87 16.23 18.47
C ASP B 210 -15.69 16.94 17.13
N CYS B 211 -16.00 16.25 16.02
CA CYS B 211 -15.83 16.84 14.70
C CYS B 211 -16.98 17.77 14.33
N GLU B 212 -18.09 17.65 15.05
CA GLU B 212 -19.31 18.36 14.71
C GLU B 212 -19.18 19.88 14.69
N VAL B 213 -18.54 20.45 15.71
CA VAL B 213 -18.38 21.91 15.76
C VAL B 213 -17.68 22.43 14.50
N ILE B 214 -16.67 21.71 14.04
CA ILE B 214 -15.90 22.11 12.87
C ILE B 214 -16.72 22.00 11.60
N ALA B 215 -17.31 20.82 11.40
CA ALA B 215 -18.11 20.56 10.22
C ALA B 215 -19.21 21.60 10.07
N ARG B 216 -19.86 21.92 11.18
CA ARG B 216 -20.94 22.91 11.21
C ARG B 216 -20.44 24.29 10.80
N LYS B 217 -19.31 24.68 11.35
CA LYS B 217 -18.71 25.99 11.10
C LYS B 217 -18.23 26.16 9.66
N ARG B 218 -17.62 25.13 9.09
CA ARG B 218 -17.05 25.21 7.76
C ARG B 218 -18.05 24.90 6.64
N PHE B 219 -19.13 24.21 6.97
CA PHE B 219 -20.12 23.83 5.96
C PHE B 219 -21.53 24.21 6.38
N ARG B 220 -21.98 25.36 5.90
CA ARG B 220 -23.29 25.92 6.22
C ARG B 220 -24.47 24.94 6.05
N GLU B 221 -24.45 24.17 4.98
CA GLU B 221 -25.54 23.23 4.72
C GLU B 221 -25.53 22.06 5.72
N VAL B 222 -24.35 21.66 6.19
CA VAL B 222 -24.31 20.63 7.24
C VAL B 222 -24.93 21.24 8.51
N ASP B 223 -24.57 22.49 8.79
CA ASP B 223 -25.17 23.20 9.91
C ASP B 223 -26.69 23.22 9.76
N ALA B 224 -27.17 23.47 8.54
CA ALA B 224 -28.61 23.51 8.27
C ALA B 224 -29.29 22.15 8.43
N VAL B 225 -28.63 21.08 7.98
CA VAL B 225 -29.20 19.74 8.13
C VAL B 225 -29.39 19.41 9.61
N LEU B 226 -28.38 19.74 10.41
CA LEU B 226 -28.44 19.53 11.84
C LEU B 226 -29.56 20.36 12.47
N SER B 227 -29.66 21.62 12.08
CA SER B 227 -30.73 22.48 12.61
C SER B 227 -32.09 21.88 12.35
N TRP B 228 -32.31 21.38 11.13
CA TRP B 228 -33.59 20.78 10.77
C TRP B 228 -33.87 19.48 11.56
N LEU B 229 -32.89 18.58 11.61
CA LEU B 229 -33.07 17.32 12.32
C LEU B 229 -33.28 17.52 13.83
N LEU B 230 -32.61 18.51 14.41
CA LEU B 230 -32.75 18.78 15.84
C LEU B 230 -34.16 19.23 16.23
N GLU B 231 -34.98 19.62 15.25
CA GLU B 231 -36.37 19.99 15.55
C GLU B 231 -37.16 18.74 15.91
N TYR B 232 -36.67 17.57 15.47
CA TYR B 232 -37.41 16.32 15.64
C TYR B 232 -36.80 15.33 16.63
N ALA B 233 -35.48 15.34 16.78
CA ALA B 233 -34.84 14.34 17.64
C ALA B 233 -33.36 14.63 17.87
N PRO B 234 -32.76 13.94 18.84
CA PRO B 234 -31.32 14.07 19.09
C PRO B 234 -30.62 13.74 17.79
N SER B 235 -29.71 14.60 17.36
CA SER B 235 -29.05 14.43 16.08
C SER B 235 -27.60 14.84 16.21
N ARG B 236 -26.74 14.14 15.46
CA ARG B 236 -25.32 14.40 15.51
C ARG B 236 -24.67 14.03 14.20
N LEU B 237 -23.50 14.62 13.96
CA LEU B 237 -22.66 14.25 12.84
C LEU B 237 -22.13 12.84 13.02
N THR B 238 -21.91 12.13 11.93
CA THR B 238 -21.25 10.85 12.04
C THR B 238 -19.90 10.99 11.33
N GLY B 239 -18.87 10.33 11.85
CA GLY B 239 -17.53 10.45 11.31
C GLY B 239 -17.14 11.92 11.24
N THR B 240 -16.54 12.31 10.12
CA THR B 240 -16.17 13.71 9.87
C THR B 240 -17.24 14.41 9.00
N GLY B 241 -18.42 13.82 8.87
CA GLY B 241 -19.46 14.37 8.03
C GLY B 241 -19.25 13.93 6.58
N ALA B 242 -20.07 14.42 5.65
CA ALA B 242 -21.15 15.37 5.91
C ALA B 242 -22.41 14.79 6.54
N CYS B 243 -22.53 13.47 6.62
CA CYS B 243 -23.80 12.88 7.11
C CYS B 243 -24.10 13.20 8.58
N VAL B 244 -25.38 13.38 8.83
CA VAL B 244 -25.92 13.65 10.14
C VAL B 244 -27.02 12.62 10.37
N PHE B 245 -27.11 12.10 11.58
CA PHE B 245 -28.19 11.16 11.89
C PHE B 245 -29.04 11.65 13.05
N ALA B 246 -30.32 11.29 13.00
CA ALA B 246 -31.29 11.57 14.06
C ALA B 246 -31.78 10.23 14.63
N GLU B 247 -31.82 10.11 15.97
CA GLU B 247 -32.18 8.85 16.62
C GLU B 247 -33.64 8.76 16.99
N PHE B 248 -34.25 7.60 16.70
CA PHE B 248 -35.65 7.35 17.00
C PHE B 248 -35.82 5.98 17.65
N ASP B 249 -36.84 5.86 18.50
CA ASP B 249 -37.13 4.59 19.18
C ASP B 249 -37.75 3.57 18.25
N THR B 250 -38.50 4.04 17.26
CA THR B 250 -39.17 3.14 16.34
C THR B 250 -38.98 3.55 14.88
N GLU B 251 -39.26 2.58 14.00
CA GLU B 251 -39.18 2.79 12.57
C GLU B 251 -40.28 3.75 12.11
N SER B 252 -41.45 3.66 12.73
CA SER B 252 -42.58 4.51 12.35
C SER B 252 -42.28 5.99 12.52
N GLU B 253 -41.77 6.37 13.70
CA GLU B 253 -41.42 7.77 13.94
C GLU B 253 -40.34 8.25 12.98
N ALA B 254 -39.34 7.41 12.75
CA ALA B 254 -38.25 7.76 11.84
C ALA B 254 -38.77 8.02 10.43
N ARG B 255 -39.67 7.16 9.96
CA ARG B 255 -40.22 7.31 8.62
C ARG B 255 -41.12 8.52 8.52
N GLN B 256 -41.87 8.80 9.59
CA GLN B 256 -42.75 9.97 9.63
C GLN B 256 -41.92 11.25 9.45
N VAL B 257 -40.81 11.36 10.19
CA VAL B 257 -39.94 12.53 10.08
C VAL B 257 -39.35 12.61 8.67
N LEU B 258 -38.93 11.47 8.12
CA LEU B 258 -38.37 11.47 6.78
C LEU B 258 -39.33 12.10 5.77
N GLU B 259 -40.63 11.82 5.93
CA GLU B 259 -41.66 12.35 5.03
C GLU B 259 -41.77 13.88 5.14
N GLN B 260 -41.59 14.41 6.35
CA GLN B 260 -41.72 15.85 6.60
C GLN B 260 -40.45 16.67 6.30
N ALA B 261 -39.30 16.00 6.31
CA ALA B 261 -38.02 16.67 6.13
C ALA B 261 -37.82 17.21 4.71
N PRO B 262 -37.00 18.26 4.59
CA PRO B 262 -36.68 18.82 3.29
C PRO B 262 -36.12 17.75 2.38
N GLU B 263 -36.49 17.80 1.10
CA GLU B 263 -36.00 16.84 0.14
C GLU B 263 -34.47 16.93 -0.01
N TRP B 264 -33.90 18.11 0.18
CA TRP B 264 -32.45 18.26 0.02
C TRP B 264 -31.64 17.61 1.15
N LEU B 265 -32.33 17.06 2.16
CA LEU B 265 -31.63 16.30 3.21
C LEU B 265 -31.18 14.94 2.66
N ASN B 266 -31.69 14.55 1.48
CA ASN B 266 -31.34 13.25 0.89
C ASN B 266 -31.37 12.15 1.94
N GLY B 267 -32.42 12.12 2.74
CA GLY B 267 -32.46 11.18 3.86
C GLY B 267 -32.91 9.76 3.57
N PHE B 268 -32.43 8.84 4.39
CA PHE B 268 -32.87 7.45 4.36
C PHE B 268 -33.02 7.01 5.81
N VAL B 269 -33.83 5.99 6.02
CA VAL B 269 -34.05 5.47 7.37
C VAL B 269 -33.47 4.06 7.46
N ALA B 270 -32.83 3.76 8.57
CA ALA B 270 -32.23 2.43 8.74
C ALA B 270 -32.07 2.09 10.20
N LYS B 271 -32.14 0.81 10.51
CA LYS B 271 -31.97 0.35 11.86
C LYS B 271 -30.50 0.16 12.20
N GLY B 272 -30.12 0.59 13.41
CA GLY B 272 -28.77 0.34 13.90
C GLY B 272 -28.71 -1.09 14.42
N VAL B 273 -27.71 -1.86 14.00
CA VAL B 273 -27.59 -3.26 14.45
C VAL B 273 -26.19 -3.54 14.97
N ASN B 274 -26.12 -4.36 16.02
CA ASN B 274 -24.84 -4.65 16.66
C ASN B 274 -24.06 -5.80 15.99
N LEU B 275 -24.76 -6.62 15.22
CA LEU B 275 -24.12 -7.65 14.43
C LEU B 275 -24.13 -7.16 12.98
N SER B 276 -22.97 -7.12 12.35
CA SER B 276 -22.92 -6.66 10.95
C SER B 276 -23.77 -7.54 10.04
N PRO B 277 -24.59 -6.90 9.21
CA PRO B 277 -25.37 -7.63 8.19
C PRO B 277 -24.49 -8.57 7.37
N LEU B 278 -23.21 -8.25 7.19
CA LEU B 278 -22.29 -9.12 6.47
C LEU B 278 -22.18 -10.46 7.19
N HIS B 279 -21.84 -10.40 8.47
CA HIS B 279 -21.68 -11.61 9.28
C HIS B 279 -23.02 -12.32 9.51
N ARG B 280 -24.08 -11.55 9.66
CA ARG B 280 -25.40 -12.14 9.83
C ARG B 280 -25.76 -12.99 8.60
N ALA B 281 -25.48 -12.47 7.41
CA ALA B 281 -25.77 -13.18 6.17
C ALA B 281 -24.99 -14.49 6.04
N LEU B 283 -24.53 -16.66 8.63
CA LEU B 283 -24.94 -17.60 9.69
C LEU B 283 -25.67 -18.81 9.11
#